data_9EYJ
#
_entry.id   9EYJ
#
_cell.length_a   1.00
_cell.length_b   1.00
_cell.length_c   1.00
_cell.angle_alpha   90.00
_cell.angle_beta   90.00
_cell.angle_gamma   90.00
#
_symmetry.space_group_name_H-M   'P 1'
#
loop_
_entity.id
_entity.type
_entity.pdbx_description
1 polymer 'SMODS-associated and fused to various effectors domain-containing protein'
2 polymer cA4
#
loop_
_entity_poly.entity_id
_entity_poly.type
_entity_poly.pdbx_seq_one_letter_code
_entity_poly.pdbx_strand_id
1 'polypeptide(L)'
;MGGSHHHHHHGMASWSHPQFEKGGHHHHHHGGSGENLYFQGGSGPKFNETADKYLKSGSAEAELIILQYIQQDRVSEDDE
EWVYNLLEKANNPYIKLNALLWLSAKRKYLTQLSKLWGISENELKSLSQQQPKIGLFPAVDSRKNAFLAKVFVYKLKSEE
PIALAILGDKIENFSYLAQLGKQNCLIGFNKNIQGNSWQLAVLATLLVKDEKIISKIAYSGIVLPSGEIITAEEIEYKKR
CCQNLVHRIKKIEQLDAWLNTETIPLPVIQYQGEENELKRWQKAMEQKVQEKFSWFSYELLEDFYGITNSDLAIFGNGIL
PFEANAWQKLLQEQVKDKFKLLEDKVMPKKVLWFYAGQISTLQLGIGALFGFKRAVSILQMEFSNTTYHEVFILYGKENA
RQLKNVSVKKEDYQYIQSELLINEPHKNELGFIIYLGSHNPIGEAKAYCQKQLQINNFLIIQARENQGVMETSQNWLPYL
QEINSALNTARQEYHWERIHLFQTAPTALCMALGIAVGHFLPVDVYHYQFNAEEPKYRCVFSLDKMLNL
;
A,B
2 'polyribonucleotide' AAAA D
#
# COMPACT_ATOMS: atom_id res chain seq x y z
N LEU A 245 22.58 -17.16 27.23
CA LEU A 245 23.47 -16.05 26.91
C LEU A 245 22.72 -14.73 26.98
N VAL A 246 22.13 -14.46 28.14
CA VAL A 246 21.37 -13.22 28.34
C VAL A 246 22.38 -12.10 28.62
N HIS A 247 22.52 -11.17 27.67
CA HIS A 247 23.44 -10.06 27.84
C HIS A 247 22.84 -8.70 27.49
N ARG A 248 21.72 -8.65 26.77
CA ARG A 248 21.07 -7.40 26.40
C ARG A 248 19.79 -7.17 27.18
N ILE A 249 19.74 -7.63 28.43
CA ILE A 249 18.58 -7.47 29.30
C ILE A 249 19.03 -6.76 30.57
N LYS A 250 18.23 -5.78 31.01
CA LYS A 250 18.56 -4.97 32.17
C LYS A 250 17.68 -5.28 33.37
N LYS A 251 16.36 -5.22 33.22
CA LYS A 251 15.46 -5.48 34.32
C LYS A 251 15.28 -6.98 34.53
N ILE A 252 14.56 -7.34 35.59
CA ILE A 252 14.27 -8.73 35.89
C ILE A 252 12.83 -9.11 35.58
N GLU A 253 11.93 -8.14 35.46
CA GLU A 253 10.55 -8.44 35.12
C GLU A 253 10.46 -9.09 33.74
N GLN A 254 11.21 -8.55 32.76
CA GLN A 254 11.23 -9.16 31.44
C GLN A 254 11.81 -10.57 31.48
N LEU A 255 12.88 -10.76 32.26
CA LEU A 255 13.49 -12.09 32.38
C LEU A 255 12.50 -13.10 32.91
N ASP A 256 11.83 -12.77 34.02
CA ASP A 256 10.90 -13.72 34.62
C ASP A 256 9.66 -13.91 33.77
N ALA A 257 9.22 -12.87 33.07
CA ALA A 257 8.07 -12.99 32.19
C ALA A 257 8.38 -13.91 31.01
N TRP A 258 9.56 -13.78 30.42
CA TRP A 258 9.97 -14.70 29.37
C TRP A 258 10.10 -16.13 29.91
N LEU A 259 10.65 -16.27 31.11
CA LEU A 259 10.91 -17.60 31.66
C LEU A 259 9.61 -18.33 32.00
N ASN A 260 8.62 -17.62 32.51
CA ASN A 260 7.44 -18.28 33.06
C ASN A 260 6.17 -17.97 32.28
N THR A 261 6.23 -17.98 30.96
CA THR A 261 5.06 -17.75 30.12
C THR A 261 4.71 -19.03 29.36
N GLU A 262 3.61 -18.96 28.62
CA GLU A 262 3.16 -20.06 27.78
C GLU A 262 3.14 -19.73 26.29
N THR A 263 2.92 -18.47 25.94
CA THR A 263 2.90 -18.03 24.55
C THR A 263 4.08 -17.10 24.31
N ILE A 264 4.83 -17.38 23.25
CA ILE A 264 6.01 -16.59 22.87
C ILE A 264 5.77 -16.04 21.48
N PRO A 265 5.68 -14.72 21.31
CA PRO A 265 5.47 -14.16 19.98
C PRO A 265 6.70 -14.35 19.10
N LEU A 266 6.45 -14.79 17.86
CA LEU A 266 7.47 -14.92 16.82
C LEU A 266 6.99 -14.07 15.64
N PRO A 267 7.25 -12.77 15.67
CA PRO A 267 6.67 -11.88 14.66
C PRO A 267 7.38 -12.01 13.32
N VAL A 268 6.74 -12.66 12.35
CA VAL A 268 7.35 -12.93 11.07
C VAL A 268 6.78 -11.98 10.03
N ILE A 269 7.67 -11.42 9.20
CA ILE A 269 7.29 -10.42 8.20
C ILE A 269 7.92 -10.82 6.87
N GLN A 270 7.38 -10.26 5.79
CA GLN A 270 7.87 -10.51 4.44
C GLN A 270 8.12 -9.18 3.75
N TYR A 271 9.31 -9.02 3.18
CA TYR A 271 9.69 -7.78 2.50
C TYR A 271 10.50 -8.11 1.26
N GLN A 272 10.40 -7.23 0.26
CA GLN A 272 11.18 -7.32 -0.96
C GLN A 272 11.75 -5.93 -1.26
N GLY A 273 13.05 -5.75 -1.03
CA GLY A 273 13.69 -4.48 -1.27
C GLY A 273 15.06 -4.35 -0.63
N GLU A 274 15.28 -3.23 0.06
CA GLU A 274 16.56 -2.97 0.73
C GLU A 274 16.49 -3.42 2.18
N GLU A 275 17.68 -3.65 2.75
CA GLU A 275 17.76 -4.15 4.12
C GLU A 275 17.44 -3.07 5.16
N ASN A 276 17.67 -1.80 4.84
CA ASN A 276 17.37 -0.73 5.78
C ASN A 276 15.87 -0.62 6.02
N GLU A 277 15.08 -0.67 4.95
CA GLU A 277 13.63 -0.67 5.11
C GLU A 277 13.15 -1.93 5.81
N LEU A 278 13.84 -3.04 5.62
CA LEU A 278 13.50 -4.26 6.37
C LEU A 278 13.73 -4.06 7.86
N LYS A 279 14.85 -3.41 8.22
CA LYS A 279 15.11 -3.13 9.63
C LYS A 279 14.06 -2.19 10.21
N ARG A 280 13.66 -1.17 9.44
CA ARG A 280 12.60 -0.27 9.91
C ARG A 280 11.28 -0.99 10.11
N TRP A 281 10.91 -1.86 9.16
CA TRP A 281 9.67 -2.61 9.27
C TRP A 281 9.71 -3.54 10.48
N GLN A 282 10.85 -4.20 10.70
CA GLN A 282 10.99 -5.07 11.85
C GLN A 282 10.93 -4.29 13.16
N LYS A 283 11.47 -3.07 13.17
CA LYS A 283 11.38 -2.23 14.37
C LYS A 283 9.93 -1.84 14.67
N ALA A 284 9.18 -1.47 13.62
CA ALA A 284 7.77 -1.14 13.83
C ALA A 284 6.99 -2.35 14.33
N MET A 285 7.26 -3.52 13.76
CA MET A 285 6.60 -4.74 14.20
C MET A 285 6.96 -5.09 15.64
N GLU A 286 8.23 -4.88 16.01
CA GLU A 286 8.67 -5.10 17.39
C GLU A 286 7.96 -4.16 18.35
N GLN A 287 7.77 -2.90 17.96
CA GLN A 287 7.00 -1.98 18.78
C GLN A 287 5.56 -2.44 18.94
N LYS A 288 4.96 -2.93 17.86
CA LYS A 288 3.58 -3.43 17.94
C LYS A 288 3.48 -4.63 18.88
N VAL A 289 4.45 -5.54 18.81
CA VAL A 289 4.41 -6.72 19.68
C VAL A 289 4.64 -6.32 21.14
N GLN A 290 5.56 -5.38 21.37
CA GLN A 290 5.80 -4.88 22.73
C GLN A 290 4.59 -4.15 23.29
N GLU A 291 3.73 -3.61 22.42
CA GLU A 291 2.48 -3.03 22.89
C GLU A 291 1.61 -4.07 23.59
N LYS A 292 1.72 -5.34 23.20
CA LYS A 292 0.97 -6.42 23.81
C LYS A 292 1.82 -7.27 24.77
N PHE A 293 3.07 -7.51 24.43
CA PHE A 293 3.99 -8.28 25.27
C PHE A 293 5.21 -7.39 25.51
N SER A 294 5.19 -6.62 26.60
CA SER A 294 6.20 -5.59 26.82
C SER A 294 7.60 -6.18 26.98
N TRP A 295 7.70 -7.43 27.41
CA TRP A 295 9.01 -8.06 27.60
C TRP A 295 9.65 -8.48 26.29
N PHE A 296 8.94 -8.40 25.17
CA PHE A 296 9.50 -8.85 23.90
C PHE A 296 10.58 -7.90 23.42
N SER A 297 11.60 -8.47 22.76
CA SER A 297 12.63 -7.70 22.08
C SER A 297 13.38 -8.62 21.14
N TYR A 298 13.90 -8.05 20.05
CA TYR A 298 14.70 -8.82 19.12
C TYR A 298 15.98 -9.32 19.77
N GLU A 299 16.62 -8.45 20.57
CA GLU A 299 17.82 -8.85 21.29
C GLU A 299 17.53 -9.97 22.28
N LEU A 300 16.39 -9.89 22.99
CA LEU A 300 16.00 -10.96 23.90
C LEU A 300 15.70 -12.25 23.13
N LEU A 301 15.07 -12.13 21.96
CA LEU A 301 14.81 -13.30 21.14
C LEU A 301 16.11 -13.98 20.72
N GLU A 302 17.10 -13.19 20.30
CA GLU A 302 18.39 -13.74 19.90
C GLU A 302 19.15 -14.30 21.09
N ASP A 303 19.00 -13.71 22.27
CA ASP A 303 19.69 -14.20 23.46
C ASP A 303 19.02 -15.44 24.05
N PHE A 304 17.75 -15.67 23.72
CA PHE A 304 17.01 -16.77 24.32
C PHE A 304 16.90 -17.99 23.42
N TYR A 305 16.68 -17.82 22.12
CA TYR A 305 16.64 -18.96 21.21
C TYR A 305 17.66 -18.88 20.09
N GLY A 306 18.59 -17.93 20.15
CA GLY A 306 19.62 -17.84 19.13
C GLY A 306 19.07 -17.56 17.75
N ILE A 307 18.01 -16.75 17.66
CA ILE A 307 17.29 -16.51 16.42
C ILE A 307 17.36 -15.03 16.10
N THR A 308 17.86 -14.71 14.91
CA THR A 308 18.13 -13.34 14.51
C THR A 308 16.94 -12.75 13.74
N ASN A 309 17.11 -11.51 13.28
CA ASN A 309 16.07 -10.85 12.49
C ASN A 309 15.90 -11.47 11.11
N SER A 310 16.90 -12.21 10.62
CA SER A 310 16.78 -12.84 9.32
C SER A 310 15.72 -13.93 9.32
N ASP A 311 15.66 -14.72 10.39
CA ASP A 311 14.69 -15.82 10.45
C ASP A 311 13.26 -15.31 10.54
N LEU A 312 13.06 -14.12 11.10
CA LEU A 312 11.75 -13.51 11.19
C LEU A 312 11.35 -12.76 9.92
N ALA A 313 12.22 -12.72 8.92
CA ALA A 313 11.97 -11.94 7.71
C ALA A 313 12.00 -12.85 6.49
N ILE A 314 10.93 -12.79 5.68
CA ILE A 314 10.92 -13.38 4.35
C ILE A 314 11.44 -12.30 3.42
N PHE A 315 12.76 -12.21 3.31
CA PHE A 315 13.41 -11.08 2.65
C PHE A 315 13.96 -11.50 1.29
N GLY A 316 13.73 -10.64 0.30
CA GLY A 316 14.33 -10.81 -1.01
C GLY A 316 14.88 -9.48 -1.49
N ASN A 317 16.00 -9.55 -2.20
CA ASN A 317 16.67 -8.35 -2.66
C ASN A 317 16.04 -7.87 -3.97
N GLY A 318 15.57 -6.64 -3.99
CA GLY A 318 15.03 -6.05 -5.19
C GLY A 318 13.64 -6.55 -5.52
N ILE A 319 13.19 -6.14 -6.71
CA ILE A 319 11.88 -6.54 -7.21
C ILE A 319 11.93 -8.01 -7.62
N LEU A 320 10.93 -8.77 -7.19
CA LEU A 320 10.84 -10.17 -7.57
C LEU A 320 10.69 -10.29 -9.08
N PRO A 321 11.42 -11.19 -9.74
CA PRO A 321 11.21 -11.40 -11.17
C PRO A 321 9.81 -11.92 -11.44
N PHE A 322 9.23 -11.47 -12.55
CA PHE A 322 7.88 -11.87 -12.92
C PHE A 322 7.90 -13.21 -13.67
N GLU A 323 8.33 -14.24 -12.95
CA GLU A 323 8.35 -15.60 -13.46
C GLU A 323 7.72 -16.52 -12.43
N ALA A 324 6.93 -17.49 -12.91
CA ALA A 324 6.27 -18.42 -12.01
C ALA A 324 7.29 -19.25 -11.24
N ASN A 325 8.36 -19.69 -11.91
CA ASN A 325 9.37 -20.50 -11.24
C ASN A 325 10.11 -19.72 -10.18
N ALA A 326 10.31 -18.41 -10.39
CA ALA A 326 10.97 -17.59 -9.36
C ALA A 326 10.12 -17.51 -8.11
N TRP A 327 8.81 -17.27 -8.26
CA TRP A 327 7.92 -17.21 -7.11
C TRP A 327 7.82 -18.57 -6.43
N GLN A 328 7.80 -19.65 -7.21
CA GLN A 328 7.77 -20.99 -6.61
C GLN A 328 9.06 -21.26 -5.84
N LYS A 329 10.20 -20.82 -6.37
CA LYS A 329 11.46 -20.98 -5.65
C LYS A 329 11.46 -20.18 -4.36
N LEU A 330 10.90 -18.97 -4.40
CA LEU A 330 10.78 -18.18 -3.16
C LEU A 330 9.87 -18.87 -2.15
N LEU A 331 8.76 -19.45 -2.60
CA LEU A 331 7.84 -20.11 -1.69
C LEU A 331 8.45 -21.38 -1.10
N GLN A 332 9.26 -22.10 -1.88
CA GLN A 332 9.81 -23.37 -1.45
C GLN A 332 11.09 -23.24 -0.64
N GLU A 333 12.04 -22.42 -1.08
CA GLU A 333 13.31 -22.32 -0.39
C GLU A 333 13.20 -21.53 0.91
N GLN A 334 12.23 -20.63 1.00
CA GLN A 334 12.08 -19.77 2.17
C GLN A 334 10.84 -20.10 2.99
N VAL A 335 9.66 -20.06 2.37
CA VAL A 335 8.42 -20.08 3.16
C VAL A 335 7.96 -21.50 3.48
N LYS A 336 8.40 -22.50 2.70
CA LYS A 336 7.89 -23.86 2.88
C LYS A 336 8.26 -24.43 4.24
N ASP A 337 9.48 -24.17 4.71
CA ASP A 337 9.95 -24.72 5.98
C ASP A 337 10.19 -23.67 7.05
N LYS A 338 9.93 -22.39 6.75
CA LYS A 338 10.23 -21.33 7.72
C LYS A 338 9.42 -21.49 9.00
N PHE A 339 8.10 -21.63 8.86
CA PHE A 339 7.25 -21.72 10.04
C PHE A 339 7.47 -23.03 10.79
N LYS A 340 7.74 -24.12 10.07
CA LYS A 340 8.06 -25.38 10.74
C LYS A 340 9.35 -25.26 11.56
N LEU A 341 10.38 -24.63 10.99
CA LEU A 341 11.63 -24.46 11.71
C LEU A 341 11.47 -23.52 12.90
N LEU A 342 10.69 -22.46 12.74
CA LEU A 342 10.45 -21.55 13.87
C LEU A 342 9.64 -22.22 14.97
N GLU A 343 8.66 -23.06 14.60
CA GLU A 343 7.92 -23.82 15.60
C GLU A 343 8.84 -24.79 16.34
N ASP A 344 9.72 -25.46 15.61
CA ASP A 344 10.68 -26.38 16.22
C ASP A 344 11.73 -25.67 17.05
N LYS A 345 12.00 -24.39 16.78
CA LYS A 345 12.99 -23.65 17.56
C LYS A 345 12.53 -23.49 19.01
N VAL A 346 11.25 -23.20 19.22
CA VAL A 346 10.68 -23.08 20.56
C VAL A 346 9.66 -24.20 20.70
N MET A 347 10.11 -25.33 21.21
CA MET A 347 9.27 -26.51 21.37
C MET A 347 8.34 -26.45 22.59
N PRO A 348 8.86 -26.24 23.81
CA PRO A 348 7.96 -26.36 24.97
C PRO A 348 6.97 -25.22 25.11
N LYS A 349 7.24 -24.07 24.52
CA LYS A 349 6.37 -22.91 24.65
C LYS A 349 5.63 -22.67 23.34
N LYS A 350 4.34 -22.36 23.45
CA LYS A 350 3.52 -22.06 22.29
C LYS A 350 3.98 -20.76 21.63
N VAL A 351 3.86 -20.72 20.31
CA VAL A 351 4.24 -19.56 19.52
C VAL A 351 2.99 -18.78 19.15
N LEU A 352 3.11 -17.46 19.08
CA LEU A 352 2.02 -16.58 18.67
C LEU A 352 2.53 -15.70 17.55
N TRP A 353 2.19 -16.05 16.31
CA TRP A 353 2.76 -15.40 15.14
C TRP A 353 2.12 -14.03 14.97
N PHE A 354 2.92 -12.98 15.03
CA PHE A 354 2.45 -11.62 14.74
C PHE A 354 2.87 -11.32 13.32
N TYR A 355 1.98 -11.56 12.36
CA TYR A 355 2.35 -11.58 10.95
C TYR A 355 1.86 -10.34 10.22
N ALA A 356 2.75 -9.76 9.42
CA ALA A 356 2.40 -8.82 8.36
C ALA A 356 3.27 -9.14 7.15
N GLY A 357 2.86 -8.65 5.98
CA GLY A 357 3.56 -8.92 4.75
C GLY A 357 3.52 -7.72 3.82
N GLN A 358 4.16 -7.88 2.66
CA GLN A 358 4.27 -6.80 1.68
C GLN A 358 3.54 -7.11 0.38
N ILE A 359 3.86 -8.21 -0.28
CA ILE A 359 3.23 -8.55 -1.56
C ILE A 359 1.93 -9.26 -1.27
N SER A 360 0.81 -8.67 -1.71
CA SER A 360 -0.51 -9.21 -1.37
C SER A 360 -0.74 -10.59 -1.95
N THR A 361 -0.29 -10.81 -3.19
CA THR A 361 -0.49 -12.10 -3.84
C THR A 361 0.26 -13.21 -3.12
N LEU A 362 1.46 -12.90 -2.62
CA LEU A 362 2.24 -13.90 -1.89
C LEU A 362 1.51 -14.38 -0.65
N GLN A 363 0.73 -13.50 -0.01
CA GLN A 363 0.14 -13.82 1.28
C GLN A 363 -0.81 -15.02 1.20
N LEU A 364 -1.42 -15.26 0.05
CA LEU A 364 -2.23 -16.46 -0.11
C LEU A 364 -1.38 -17.72 0.01
N GLY A 365 -0.20 -17.71 -0.61
CA GLY A 365 0.71 -18.83 -0.45
C GLY A 365 1.26 -18.95 0.96
N ILE A 366 1.53 -17.80 1.60
CA ILE A 366 1.99 -17.83 2.99
C ILE A 366 0.93 -18.43 3.90
N GLY A 367 -0.34 -18.04 3.70
CA GLY A 367 -1.41 -18.62 4.49
C GLY A 367 -1.64 -20.09 4.20
N ALA A 368 -1.49 -20.50 2.93
CA ALA A 368 -1.63 -21.90 2.58
C ALA A 368 -0.55 -22.75 3.23
N LEU A 369 0.70 -22.28 3.20
CA LEU A 369 1.79 -22.97 3.88
C LEU A 369 1.74 -22.80 5.39
N PHE A 370 0.92 -21.86 5.88
CA PHE A 370 0.83 -21.59 7.31
C PHE A 370 -0.08 -22.59 8.01
N GLY A 371 -1.32 -22.69 7.55
CA GLY A 371 -2.25 -23.66 8.10
C GLY A 371 -3.04 -23.11 9.27
N PHE A 372 -4.29 -23.57 9.37
CA PHE A 372 -5.18 -23.13 10.44
C PHE A 372 -4.79 -23.69 11.80
N LYS A 373 -3.84 -24.62 11.86
CA LYS A 373 -3.40 -25.23 13.10
C LYS A 373 -2.44 -24.35 13.90
N ARG A 374 -2.31 -23.07 13.55
CA ARG A 374 -1.45 -22.15 14.27
C ARG A 374 -2.28 -20.94 14.69
N ALA A 375 -2.31 -20.66 15.99
CA ALA A 375 -2.93 -19.43 16.47
C ALA A 375 -2.04 -18.24 16.09
N VAL A 376 -2.67 -17.19 15.56
CA VAL A 376 -1.90 -16.13 14.91
C VAL A 376 -2.66 -14.82 15.00
N SER A 377 -1.92 -13.74 15.25
CA SER A 377 -2.41 -12.38 15.11
C SER A 377 -1.90 -11.82 13.81
N ILE A 378 -2.82 -11.52 12.89
CA ILE A 378 -2.50 -10.94 11.59
C ILE A 378 -2.74 -9.44 11.70
N LEU A 379 -1.71 -8.66 11.37
CA LEU A 379 -1.69 -7.22 11.55
C LEU A 379 -1.85 -6.51 10.22
N GLN A 380 -1.98 -5.19 10.30
CA GLN A 380 -2.10 -4.34 9.12
C GLN A 380 -1.75 -2.92 9.53
N MET A 381 -0.72 -2.34 8.90
CA MET A 381 -0.32 -0.98 9.24
C MET A 381 -1.43 0.01 8.98
N GLU A 382 -1.79 0.76 10.02
CA GLU A 382 -2.59 1.97 9.89
C GLU A 382 -1.62 3.13 9.70
N PHE A 383 -1.80 3.86 8.60
CA PHE A 383 -0.81 4.85 8.19
C PHE A 383 -1.05 6.23 8.78
N SER A 384 -2.14 6.40 9.55
CA SER A 384 -2.34 7.66 10.25
C SER A 384 -1.27 7.87 11.32
N ASN A 385 -0.94 6.83 12.07
CA ASN A 385 0.04 6.91 13.14
C ASN A 385 1.23 5.99 12.92
N THR A 386 1.29 5.33 11.77
CA THR A 386 2.37 4.42 11.39
C THR A 386 2.57 3.35 12.48
N THR A 387 1.51 2.58 12.68
CA THR A 387 1.53 1.50 13.64
C THR A 387 0.63 0.37 13.14
N TYR A 388 0.98 -0.85 13.53
CA TYR A 388 0.18 -2.01 13.17
C TYR A 388 -1.09 -2.06 14.02
N HIS A 389 -2.09 -2.75 13.50
CA HIS A 389 -3.32 -3.04 14.23
C HIS A 389 -3.67 -4.50 14.04
N GLU A 390 -4.02 -5.17 15.14
CA GLU A 390 -4.35 -6.59 15.10
C GLU A 390 -5.72 -6.80 14.48
N VAL A 391 -5.76 -6.97 13.15
CA VAL A 391 -7.05 -7.12 12.47
C VAL A 391 -7.55 -8.56 12.43
N PHE A 392 -6.70 -9.54 12.72
CA PHE A 392 -7.15 -10.92 12.83
C PHE A 392 -6.56 -11.54 14.09
N ILE A 393 -7.43 -12.05 14.96
CA ILE A 393 -7.00 -12.72 16.19
C ILE A 393 -7.48 -14.16 16.12
N LEU A 394 -6.54 -15.11 16.13
CA LEU A 394 -6.89 -16.52 16.12
C LEU A 394 -6.30 -17.24 17.33
N TYR A 395 -6.02 -16.50 18.39
CA TYR A 395 -5.48 -17.08 19.62
C TYR A 395 -6.48 -16.98 20.76
N ALA A 400 -10.08 -19.93 16.80
CA ALA A 400 -9.74 -20.02 15.39
C ALA A 400 -10.85 -20.73 14.61
N ARG A 401 -11.79 -21.33 15.34
CA ARG A 401 -12.90 -22.03 14.70
C ARG A 401 -13.76 -21.09 13.87
N GLN A 402 -14.00 -19.87 14.38
CA GLN A 402 -14.74 -18.87 13.62
C GLN A 402 -14.00 -18.43 12.36
N LEU A 403 -12.71 -18.78 12.25
CA LEU A 403 -12.00 -18.60 11.00
C LEU A 403 -12.64 -19.42 9.89
N LYS A 404 -13.01 -20.66 10.18
CA LYS A 404 -13.54 -21.59 9.18
C LYS A 404 -15.05 -21.75 9.32
N ASN A 405 -15.74 -20.67 9.66
CA ASN A 405 -17.19 -20.73 9.80
C ASN A 405 -17.87 -20.56 8.45
N VAL A 406 -19.06 -21.14 8.34
CA VAL A 406 -19.83 -21.12 7.10
C VAL A 406 -21.25 -20.60 7.30
N SER A 407 -21.80 -20.68 8.51
CA SER A 407 -23.22 -20.51 8.78
C SER A 407 -23.81 -19.19 8.28
N VAL A 408 -22.98 -18.21 7.91
CA VAL A 408 -23.52 -16.96 7.36
C VAL A 408 -23.99 -17.20 5.94
N LYS A 409 -25.23 -16.81 5.66
CA LYS A 409 -25.84 -16.96 4.35
C LYS A 409 -25.83 -15.62 3.61
N LYS A 410 -26.21 -15.69 2.32
CA LYS A 410 -26.15 -14.50 1.47
C LYS A 410 -27.10 -13.41 1.95
N GLU A 411 -28.30 -13.81 2.40
CA GLU A 411 -29.27 -12.82 2.86
C GLU A 411 -28.83 -12.12 4.14
N ASP A 412 -27.88 -12.70 4.87
CA ASP A 412 -27.36 -12.11 6.09
C ASP A 412 -26.02 -11.42 5.89
N TYR A 413 -25.63 -11.15 4.65
CA TYR A 413 -24.37 -10.50 4.38
C TYR A 413 -24.40 -9.05 4.87
N GLN A 414 -23.29 -8.61 5.48
CA GLN A 414 -23.25 -7.27 6.05
C GLN A 414 -22.05 -6.47 5.53
N TYR A 415 -20.93 -7.15 5.29
CA TYR A 415 -19.69 -6.46 4.91
C TYR A 415 -19.39 -6.54 3.43
N ILE A 416 -19.40 -7.73 2.84
CA ILE A 416 -19.04 -7.89 1.44
C ILE A 416 -20.29 -8.21 0.63
N GLN A 417 -20.21 -7.90 -0.66
CA GLN A 417 -21.22 -8.28 -1.63
C GLN A 417 -20.58 -9.25 -2.61
N SER A 418 -21.27 -10.37 -2.86
CA SER A 418 -20.74 -11.43 -3.69
C SER A 418 -21.76 -11.78 -4.78
N GLU A 419 -21.27 -12.00 -5.98
CA GLU A 419 -22.10 -12.42 -7.10
C GLU A 419 -21.42 -13.56 -7.83
N LEU A 420 -22.24 -14.40 -8.45
CA LEU A 420 -21.77 -15.59 -9.16
C LEU A 420 -22.37 -15.58 -10.56
N LEU A 421 -21.53 -15.39 -11.57
CA LEU A 421 -21.96 -15.38 -12.96
C LEU A 421 -21.64 -16.73 -13.59
N ILE A 422 -22.67 -17.47 -13.98
CA ILE A 422 -22.52 -18.78 -14.60
C ILE A 422 -23.15 -18.67 -15.98
N ASN A 423 -22.33 -18.36 -16.98
CA ASN A 423 -22.80 -18.28 -18.36
C ASN A 423 -22.57 -19.57 -19.13
N GLU A 424 -21.59 -20.38 -18.73
CA GLU A 424 -21.28 -21.65 -19.38
C GLU A 424 -21.29 -22.75 -18.33
N PRO A 425 -22.47 -23.29 -18.01
CA PRO A 425 -22.54 -24.36 -16.99
C PRO A 425 -21.77 -25.61 -17.36
N HIS A 426 -21.61 -25.90 -18.65
CA HIS A 426 -20.90 -27.10 -19.08
C HIS A 426 -19.42 -27.05 -18.68
N LYS A 427 -18.79 -25.88 -18.83
CA LYS A 427 -17.38 -25.75 -18.48
C LYS A 427 -17.23 -25.70 -16.96
N ASN A 428 -16.43 -26.60 -16.43
CA ASN A 428 -16.25 -26.72 -14.98
C ASN A 428 -15.05 -25.93 -14.47
N GLU A 429 -14.99 -24.65 -14.84
CA GLU A 429 -13.91 -23.77 -14.42
C GLU A 429 -14.45 -22.36 -14.28
N LEU A 430 -14.05 -21.67 -13.21
CA LEU A 430 -14.49 -20.29 -13.00
C LEU A 430 -13.33 -19.48 -12.42
N GLY A 431 -13.47 -18.17 -12.48
CA GLY A 431 -12.47 -17.24 -11.97
C GLY A 431 -12.94 -16.57 -10.70
N PHE A 432 -12.11 -16.66 -9.67
CA PHE A 432 -12.38 -16.02 -8.38
C PHE A 432 -11.75 -14.63 -8.41
N ILE A 433 -12.59 -13.59 -8.35
CA ILE A 433 -12.12 -12.21 -8.40
C ILE A 433 -12.54 -11.51 -7.11
N ILE A 434 -11.57 -10.89 -6.44
CA ILE A 434 -11.78 -10.21 -5.18
C ILE A 434 -11.30 -8.78 -5.32
N TYR A 435 -12.13 -7.83 -4.88
CA TYR A 435 -11.78 -6.40 -4.94
C TYR A 435 -12.14 -5.80 -3.59
N LEU A 436 -11.19 -5.82 -2.67
CA LEU A 436 -11.34 -5.17 -1.38
C LEU A 436 -10.20 -4.19 -1.09
N GLY A 437 -9.45 -3.81 -2.12
CA GLY A 437 -8.44 -2.78 -2.04
C GLY A 437 -8.88 -1.50 -2.72
N SER A 438 -7.91 -0.77 -3.26
CA SER A 438 -8.18 0.53 -3.85
C SER A 438 -7.92 0.59 -5.36
N HIS A 439 -7.57 -0.53 -5.99
CA HIS A 439 -7.36 -0.57 -7.43
C HIS A 439 -8.19 -1.70 -8.01
N ASN A 440 -9.16 -1.35 -8.85
CA ASN A 440 -10.13 -2.34 -9.32
C ASN A 440 -9.49 -3.33 -10.28
N PRO A 441 -9.48 -4.62 -9.96
CA PRO A 441 -8.97 -5.64 -10.89
C PRO A 441 -10.03 -6.35 -11.71
N ILE A 442 -11.30 -5.95 -11.60
CA ILE A 442 -12.39 -6.70 -12.24
C ILE A 442 -12.24 -6.70 -13.75
N GLY A 443 -12.04 -5.53 -14.34
CA GLY A 443 -11.96 -5.45 -15.79
C GLY A 443 -10.74 -6.18 -16.34
N GLU A 444 -9.57 -5.95 -15.74
CA GLU A 444 -8.35 -6.55 -16.26
C GLU A 444 -8.34 -8.06 -16.09
N ALA A 445 -8.75 -8.56 -14.92
CA ALA A 445 -8.85 -9.99 -14.72
C ALA A 445 -9.92 -10.65 -15.57
N LYS A 446 -11.05 -9.97 -15.80
CA LYS A 446 -12.07 -10.51 -16.69
C LYS A 446 -11.55 -10.60 -18.12
N ALA A 447 -10.81 -9.58 -18.57
CA ALA A 447 -10.22 -9.63 -19.90
C ALA A 447 -9.18 -10.74 -19.99
N TYR A 448 -8.39 -10.94 -18.93
CA TYR A 448 -7.41 -12.01 -18.91
C TYR A 448 -8.09 -13.38 -18.99
N CYS A 449 -9.17 -13.56 -18.24
CA CYS A 449 -9.88 -14.83 -18.25
C CYS A 449 -10.54 -15.10 -19.60
N GLN A 450 -11.17 -14.08 -20.19
CA GLN A 450 -11.90 -14.28 -21.44
C GLN A 450 -11.01 -14.20 -22.67
N LYS A 451 -9.75 -13.80 -22.53
CA LYS A 451 -8.84 -13.73 -23.67
C LYS A 451 -7.63 -14.64 -23.53
N GLN A 452 -7.41 -15.19 -22.34
CA GLN A 452 -6.28 -16.05 -22.14
C GLN A 452 -6.58 -17.31 -21.39
N LEU A 453 -7.72 -17.44 -20.81
CA LEU A 453 -8.18 -18.66 -20.17
C LEU A 453 -9.51 -19.17 -20.72
N GLN A 454 -10.23 -18.36 -21.48
CA GLN A 454 -11.51 -18.72 -22.09
C GLN A 454 -12.52 -19.19 -21.03
N ILE A 455 -12.65 -18.39 -19.97
CA ILE A 455 -13.52 -18.70 -18.85
C ILE A 455 -14.54 -17.57 -18.71
N ASN A 456 -15.82 -17.93 -18.63
CA ASN A 456 -16.89 -16.96 -18.54
C ASN A 456 -17.70 -17.06 -17.25
N ASN A 457 -17.33 -17.94 -16.33
CA ASN A 457 -17.95 -18.03 -15.02
C ASN A 457 -17.07 -17.31 -14.01
N PHE A 458 -17.67 -16.47 -13.18
CA PHE A 458 -16.91 -15.63 -12.26
C PHE A 458 -17.57 -15.61 -10.90
N LEU A 459 -16.75 -15.36 -9.87
CA LEU A 459 -17.20 -15.14 -8.50
C LEU A 459 -16.64 -13.80 -8.06
N ILE A 460 -17.46 -12.76 -8.14
CA ILE A 460 -17.02 -11.39 -7.88
C ILE A 460 -17.35 -11.03 -6.44
N ILE A 461 -16.35 -10.51 -5.73
CA ILE A 461 -16.48 -10.14 -4.32
C ILE A 461 -15.97 -8.72 -4.14
N GLN A 462 -16.84 -7.83 -3.66
CA GLN A 462 -16.47 -6.46 -3.36
C GLN A 462 -17.00 -6.10 -1.98
N ALA A 463 -16.80 -4.85 -1.58
CA ALA A 463 -17.35 -4.36 -0.32
C ALA A 463 -18.76 -3.85 -0.53
N ARG A 464 -19.52 -3.80 0.57
CA ARG A 464 -20.90 -3.35 0.49
C ARG A 464 -20.99 -1.83 0.42
N GLU A 465 -20.43 -1.14 1.41
CA GLU A 465 -20.57 0.31 1.52
C GLU A 465 -19.26 1.05 1.31
N ASN A 466 -18.23 0.76 2.09
CA ASN A 466 -16.98 1.50 2.08
C ASN A 466 -15.90 0.67 1.38
N GLN A 467 -15.86 0.76 0.06
CA GLN A 467 -14.86 0.05 -0.72
C GLN A 467 -13.56 0.83 -0.71
N GLY A 468 -12.45 0.13 -0.45
CA GLY A 468 -11.13 0.72 -0.43
C GLY A 468 -10.63 1.09 0.94
N VAL A 469 -11.53 1.22 1.92
CA VAL A 469 -11.15 1.55 3.28
C VAL A 469 -11.89 0.59 4.21
N MET A 470 -11.15 -0.13 5.04
CA MET A 470 -11.71 -0.98 6.08
C MET A 470 -11.16 -0.53 7.41
N GLU A 471 -12.02 -0.45 8.42
CA GLU A 471 -11.62 0.02 9.74
C GLU A 471 -10.57 -0.91 10.33
N THR A 472 -9.33 -0.43 10.41
CA THR A 472 -8.23 -1.27 10.89
C THR A 472 -8.34 -1.54 12.39
N SER A 473 -9.08 -0.72 13.11
CA SER A 473 -9.32 -1.00 14.53
C SER A 473 -10.30 -2.16 14.70
N GLN A 474 -11.34 -2.21 13.86
CA GLN A 474 -12.34 -3.26 13.97
C GLN A 474 -11.81 -4.58 13.44
N ASN A 475 -12.40 -5.68 13.92
CA ASN A 475 -11.99 -7.00 13.50
C ASN A 475 -12.42 -7.26 12.06
N TRP A 476 -11.51 -7.77 11.25
CA TRP A 476 -11.80 -8.14 9.88
C TRP A 476 -12.19 -9.60 9.71
N LEU A 477 -12.28 -10.35 10.80
CA LEU A 477 -12.76 -11.73 10.74
C LEU A 477 -14.12 -11.88 10.07
N PRO A 478 -15.12 -11.01 10.30
CA PRO A 478 -16.36 -11.14 9.53
C PRO A 478 -16.16 -11.05 8.03
N TYR A 479 -15.24 -10.21 7.54
CA TYR A 479 -14.98 -10.11 6.10
C TYR A 479 -14.63 -11.48 5.51
N LEU A 480 -13.66 -12.16 6.14
CA LEU A 480 -13.25 -13.47 5.65
C LEU A 480 -14.35 -14.51 5.86
N GLN A 481 -15.15 -14.37 6.91
CA GLN A 481 -16.27 -15.28 7.09
C GLN A 481 -17.26 -15.18 5.94
N GLU A 482 -17.61 -13.95 5.55
CA GLU A 482 -18.50 -13.76 4.39
C GLU A 482 -17.87 -14.30 3.12
N ILE A 483 -16.57 -14.03 2.91
CA ILE A 483 -15.91 -14.46 1.68
C ILE A 483 -15.88 -15.98 1.59
N ASN A 484 -15.53 -16.65 2.69
CA ASN A 484 -15.46 -18.11 2.69
C ASN A 484 -16.84 -18.73 2.54
N SER A 485 -17.86 -18.14 3.16
CA SER A 485 -19.22 -18.65 2.98
C SER A 485 -19.66 -18.52 1.53
N ALA A 486 -19.34 -17.40 0.88
CA ALA A 486 -19.67 -17.23 -0.53
C ALA A 486 -18.94 -18.26 -1.40
N LEU A 487 -17.66 -18.47 -1.11
CA LEU A 487 -16.87 -19.43 -1.89
C LEU A 487 -17.43 -20.84 -1.75
N ASN A 488 -17.75 -21.26 -0.52
CA ASN A 488 -18.26 -22.61 -0.31
C ASN A 488 -19.67 -22.77 -0.89
N THR A 489 -20.49 -21.73 -0.78
CA THR A 489 -21.83 -21.78 -1.38
C THR A 489 -21.75 -21.85 -2.90
N ALA A 490 -20.74 -21.24 -3.51
CA ALA A 490 -20.52 -21.40 -4.94
C ALA A 490 -20.08 -22.81 -5.30
N ARG A 491 -19.46 -23.53 -4.36
CA ARG A 491 -19.00 -24.89 -4.59
C ARG A 491 -19.96 -25.95 -4.07
N GLN A 492 -21.13 -25.54 -3.56
CA GLN A 492 -22.10 -26.51 -3.07
C GLN A 492 -22.96 -27.05 -4.21
N GLU A 493 -23.65 -26.17 -4.94
CA GLU A 493 -24.50 -26.57 -6.04
C GLU A 493 -23.74 -26.79 -7.34
N TYR A 494 -22.46 -26.47 -7.38
CA TYR A 494 -21.63 -26.64 -8.55
C TYR A 494 -20.39 -27.43 -8.20
N HIS A 495 -19.81 -28.07 -9.20
CA HIS A 495 -18.49 -28.67 -9.09
C HIS A 495 -17.52 -27.87 -9.95
N TRP A 496 -16.44 -27.40 -9.33
CA TRP A 496 -15.44 -26.59 -10.00
C TRP A 496 -14.13 -27.33 -10.00
N GLU A 497 -13.71 -27.81 -11.17
CA GLU A 497 -12.47 -28.57 -11.26
C GLU A 497 -11.26 -27.68 -11.03
N ARG A 498 -11.36 -26.39 -11.31
CA ARG A 498 -10.22 -25.50 -11.21
C ARG A 498 -10.72 -24.06 -11.06
N ILE A 499 -10.06 -23.32 -10.18
CA ILE A 499 -10.46 -21.96 -9.84
C ILE A 499 -9.28 -21.04 -10.08
N HIS A 500 -9.54 -19.83 -10.55
CA HIS A 500 -8.50 -18.84 -10.85
C HIS A 500 -8.72 -17.61 -9.98
N LEU A 501 -7.70 -17.23 -9.21
CA LEU A 501 -7.82 -16.20 -8.20
C LEU A 501 -7.08 -14.94 -8.62
N PHE A 502 -7.81 -13.83 -8.72
CA PHE A 502 -7.26 -12.51 -8.89
C PHE A 502 -7.83 -11.63 -7.79
N GLN A 503 -6.98 -10.82 -7.15
CA GLN A 503 -7.45 -10.05 -6.01
C GLN A 503 -6.68 -8.75 -5.86
N THR A 504 -7.41 -7.71 -5.45
CA THR A 504 -6.83 -6.49 -4.87
C THR A 504 -7.39 -6.43 -3.45
N ALA A 505 -6.68 -7.06 -2.54
CA ALA A 505 -7.13 -7.25 -1.17
C ALA A 505 -6.02 -6.86 -0.21
N PRO A 506 -6.36 -6.48 1.02
CA PRO A 506 -5.32 -6.16 2.00
C PRO A 506 -4.42 -7.35 2.27
N THR A 507 -3.16 -7.04 2.58
CA THR A 507 -2.18 -8.07 2.92
C THR A 507 -2.69 -8.96 4.05
N ALA A 508 -3.26 -8.35 5.09
CA ALA A 508 -3.84 -9.10 6.19
C ALA A 508 -4.98 -9.97 5.70
N LEU A 509 -5.86 -9.41 4.87
CA LEU A 509 -6.97 -10.17 4.33
C LEU A 509 -6.49 -11.27 3.40
N CYS A 510 -5.44 -11.00 2.63
CA CYS A 510 -4.90 -12.02 1.73
C CYS A 510 -4.36 -13.21 2.52
N MET A 511 -3.60 -12.94 3.59
CA MET A 511 -3.05 -14.03 4.38
C MET A 511 -4.16 -14.78 5.13
N ALA A 512 -5.18 -14.05 5.61
CA ALA A 512 -6.30 -14.71 6.27
C ALA A 512 -7.05 -15.59 5.30
N LEU A 513 -7.26 -15.13 4.07
CA LEU A 513 -7.91 -15.95 3.06
C LEU A 513 -7.07 -17.17 2.72
N GLY A 514 -5.75 -17.00 2.65
CA GLY A 514 -4.88 -18.13 2.37
C GLY A 514 -4.93 -19.19 3.47
N ILE A 515 -4.92 -18.76 4.72
CA ILE A 515 -4.97 -19.73 5.81
C ILE A 515 -6.36 -20.37 5.93
N ALA A 516 -7.42 -19.62 5.59
CA ALA A 516 -8.76 -20.22 5.62
C ALA A 516 -8.93 -21.25 4.49
N VAL A 517 -8.57 -20.88 3.27
CA VAL A 517 -8.71 -21.80 2.14
C VAL A 517 -7.68 -22.93 2.25
N GLY A 518 -6.43 -22.57 2.55
CA GLY A 518 -5.38 -23.57 2.62
C GLY A 518 -5.08 -24.17 1.26
N HIS A 519 -4.60 -25.41 1.28
CA HIS A 519 -4.30 -26.16 0.07
C HIS A 519 -5.40 -27.14 -0.31
N PHE A 520 -6.55 -27.11 0.39
CA PHE A 520 -7.66 -28.00 0.08
C PHE A 520 -8.65 -27.35 -0.90
N LEU A 521 -8.10 -26.85 -2.01
CA LEU A 521 -8.91 -26.26 -3.07
C LEU A 521 -8.10 -26.12 -4.35
N PRO A 522 -8.71 -26.33 -5.52
CA PRO A 522 -7.97 -26.23 -6.77
C PRO A 522 -7.94 -24.82 -7.34
N VAL A 523 -7.09 -23.95 -6.80
CA VAL A 523 -7.02 -22.56 -7.21
C VAL A 523 -5.60 -22.21 -7.63
N ASP A 524 -5.49 -21.53 -8.77
CA ASP A 524 -4.25 -20.93 -9.23
C ASP A 524 -4.35 -19.42 -9.00
N VAL A 525 -3.36 -18.86 -8.32
CA VAL A 525 -3.35 -17.44 -7.99
C VAL A 525 -2.55 -16.70 -9.06
N TYR A 526 -3.10 -15.59 -9.56
CA TYR A 526 -2.49 -14.81 -10.62
C TYR A 526 -2.06 -13.47 -10.05
N HIS A 527 -0.77 -13.17 -10.17
CA HIS A 527 -0.22 -11.93 -9.63
C HIS A 527 -0.15 -10.85 -10.71
N TYR A 528 -0.52 -9.64 -10.33
CA TYR A 528 -0.40 -8.48 -11.20
C TYR A 528 0.92 -7.77 -10.86
N GLN A 529 1.81 -7.69 -11.85
CA GLN A 529 3.10 -7.03 -11.67
C GLN A 529 3.04 -5.65 -12.32
N PHE A 530 3.47 -4.64 -11.58
CA PHE A 530 3.33 -3.27 -12.07
C PHE A 530 4.32 -2.97 -13.20
N ASN A 531 5.57 -3.40 -13.04
CA ASN A 531 6.60 -3.12 -14.04
C ASN A 531 6.75 -4.28 -15.03
N ALA A 532 5.63 -4.69 -15.63
CA ALA A 532 5.62 -5.82 -16.55
C ALA A 532 4.85 -5.45 -17.81
N GLU A 533 5.31 -5.99 -18.93
CA GLU A 533 4.62 -5.79 -20.19
C GLU A 533 3.35 -6.64 -20.24
N GLU A 534 2.40 -6.18 -21.05
CA GLU A 534 1.13 -6.88 -21.17
C GLU A 534 1.35 -8.26 -21.79
N PRO A 535 0.70 -9.31 -21.26
CA PRO A 535 -0.22 -9.33 -20.11
C PRO A 535 0.50 -9.22 -18.77
N LYS A 536 -0.08 -8.49 -17.83
CA LYS A 536 0.55 -8.26 -16.53
C LYS A 536 0.14 -9.28 -15.48
N TYR A 537 -0.69 -10.25 -15.84
CA TYR A 537 -1.06 -11.34 -14.95
C TYR A 537 -0.26 -12.57 -15.30
N ARG A 538 -0.04 -13.42 -14.30
CA ARG A 538 0.71 -14.66 -14.50
C ARG A 538 0.40 -15.60 -13.36
N CYS A 539 0.16 -16.87 -13.68
CA CYS A 539 -0.10 -17.86 -12.64
C CYS A 539 1.19 -18.13 -11.88
N VAL A 540 1.39 -17.41 -10.77
CA VAL A 540 2.63 -17.56 -10.01
C VAL A 540 2.69 -18.91 -9.32
N PHE A 541 1.56 -19.37 -8.79
CA PHE A 541 1.49 -20.69 -8.17
C PHE A 541 0.03 -21.14 -8.14
N SER A 542 -0.15 -22.40 -7.74
CA SER A 542 -1.47 -22.99 -7.55
C SER A 542 -1.62 -23.39 -6.09
N LEU A 543 -2.80 -23.14 -5.54
CA LEU A 543 -3.02 -23.41 -4.12
C LEU A 543 -3.01 -24.89 -3.81
N ASP A 544 -3.37 -25.74 -4.76
CA ASP A 544 -3.45 -27.18 -4.54
C ASP A 544 -2.13 -27.90 -4.78
N LYS A 545 -1.09 -27.20 -5.23
CA LYS A 545 0.20 -27.81 -5.52
C LYS A 545 1.25 -27.47 -4.47
N MET A 546 0.84 -26.93 -3.32
CA MET A 546 1.81 -26.52 -2.31
C MET A 546 2.53 -27.73 -1.70
N LEU A 547 1.77 -28.73 -1.27
CA LEU A 547 2.36 -29.89 -0.62
C LEU A 547 3.06 -30.80 -1.64
N LEU B 245 26.25 19.00 16.97
CA LEU B 245 26.39 19.65 18.26
C LEU B 245 25.22 20.56 18.57
N VAL B 246 24.53 20.29 19.67
CA VAL B 246 23.39 21.10 20.09
C VAL B 246 23.90 22.35 20.79
N HIS B 247 23.73 23.50 20.13
CA HIS B 247 24.15 24.77 20.72
C HIS B 247 23.15 25.89 20.48
N ARG B 248 22.06 25.65 19.76
CA ARG B 248 21.05 26.67 19.50
C ARG B 248 19.86 26.58 20.43
N ILE B 249 19.95 25.77 21.48
CA ILE B 249 18.86 25.60 22.43
C ILE B 249 18.77 26.85 23.31
N LYS B 250 17.58 27.42 23.39
CA LYS B 250 17.34 28.62 24.20
C LYS B 250 16.43 28.34 25.39
N LYS B 251 15.25 27.76 25.15
CA LYS B 251 14.33 27.42 26.22
C LYS B 251 14.61 26.02 26.73
N ILE B 252 14.50 25.82 28.04
CA ILE B 252 14.72 24.51 28.63
C ILE B 252 13.65 23.52 28.19
N GLU B 253 12.45 23.99 27.84
CA GLU B 253 11.41 23.09 27.37
C GLU B 253 11.69 22.62 25.94
N GLN B 254 12.49 23.37 25.19
CA GLN B 254 12.83 22.96 23.83
C GLN B 254 13.60 21.64 23.83
N LEU B 255 14.54 21.49 24.76
CA LEU B 255 15.29 20.24 24.86
C LEU B 255 14.38 19.07 25.22
N ASP B 256 13.45 19.29 26.14
CA ASP B 256 12.52 18.23 26.53
C ASP B 256 11.63 17.83 25.37
N ALA B 257 11.15 18.80 24.60
CA ALA B 257 10.30 18.48 23.45
C ALA B 257 11.09 17.83 22.33
N TRP B 258 12.38 18.17 22.20
CA TRP B 258 13.20 17.59 21.15
C TRP B 258 13.77 16.23 21.53
N LEU B 259 13.74 15.87 22.81
CA LEU B 259 14.27 14.58 23.25
C LEU B 259 13.21 13.59 23.67
N ASN B 260 12.01 14.03 24.02
CA ASN B 260 10.96 13.16 24.51
C ASN B 260 9.68 13.32 23.69
N THR B 261 9.83 13.31 22.37
CA THR B 261 8.70 13.38 21.46
C THR B 261 8.59 12.07 20.68
N GLU B 262 7.40 11.84 20.12
CA GLU B 262 7.14 10.62 19.36
C GLU B 262 7.41 10.80 17.88
N THR B 263 7.08 11.97 17.32
CA THR B 263 7.25 12.24 15.91
C THR B 263 8.11 13.49 15.74
N ILE B 264 9.14 13.38 14.90
CA ILE B 264 10.02 14.50 14.60
C ILE B 264 9.76 14.94 13.17
N PRO B 265 9.16 16.12 12.95
CA PRO B 265 8.87 16.56 11.59
C PRO B 265 10.13 16.89 10.80
N LEU B 266 10.08 16.61 9.51
CA LEU B 266 11.15 16.99 8.58
C LEU B 266 10.53 17.63 7.34
N PRO B 267 10.44 18.97 7.30
CA PRO B 267 9.85 19.62 6.12
C PRO B 267 10.77 19.52 4.91
N VAL B 268 10.21 19.05 3.80
CA VAL B 268 10.95 18.80 2.56
C VAL B 268 10.30 19.61 1.46
N ILE B 269 11.13 20.25 0.63
CA ILE B 269 10.64 21.07 -0.48
C ILE B 269 11.16 20.49 -1.79
N GLN B 270 10.41 20.73 -2.86
CA GLN B 270 10.74 20.29 -4.21
C GLN B 270 10.89 21.54 -5.07
N TYR B 271 12.09 22.10 -5.08
CA TYR B 271 12.36 23.34 -5.81
C TYR B 271 13.35 23.10 -6.93
N GLN B 272 13.06 23.65 -8.11
CA GLN B 272 13.96 23.57 -9.24
C GLN B 272 15.12 24.55 -9.08
N ASN B 276 18.59 31.31 -4.17
CA ASN B 276 18.32 31.78 -2.82
C ASN B 276 16.84 31.66 -2.49
N GLU B 277 16.06 31.19 -3.47
CA GLU B 277 14.63 31.03 -3.25
C GLU B 277 14.33 29.88 -2.28
N LEU B 278 15.25 28.91 -2.16
CA LEU B 278 15.07 27.84 -1.19
C LEU B 278 15.09 28.40 0.24
N LYS B 279 15.96 29.38 0.50
CA LYS B 279 16.00 29.99 1.83
C LYS B 279 14.67 30.65 2.16
N ARG B 280 14.08 31.36 1.20
CA ARG B 280 12.76 31.94 1.41
C ARG B 280 11.69 30.86 1.55
N TRP B 281 11.82 29.78 0.79
CA TRP B 281 10.84 28.70 0.87
C TRP B 281 11.00 27.89 2.15
N GLN B 282 12.25 27.65 2.57
CA GLN B 282 12.46 26.89 3.79
C GLN B 282 12.15 27.71 5.03
N LYS B 283 12.26 29.04 4.95
CA LYS B 283 11.85 29.87 6.07
C LYS B 283 10.34 29.80 6.28
N ALA B 284 9.57 29.82 5.18
CA ALA B 284 8.12 29.66 5.30
C ALA B 284 7.77 28.26 5.77
N MET B 285 8.50 27.24 5.28
CA MET B 285 8.23 25.87 5.69
C MET B 285 8.61 25.64 7.14
N GLU B 286 9.64 26.34 7.64
CA GLU B 286 9.98 26.24 9.05
C GLU B 286 8.96 26.96 9.92
N GLN B 287 8.30 27.98 9.38
CA GLN B 287 7.28 28.69 10.15
C GLN B 287 5.99 27.89 10.22
N LYS B 288 5.63 27.19 9.14
CA LYS B 288 4.38 26.43 9.12
C LYS B 288 4.42 25.27 10.10
N VAL B 289 5.55 24.54 10.16
CA VAL B 289 5.70 23.51 11.17
C VAL B 289 5.81 24.10 12.56
N GLN B 290 6.33 25.33 12.67
CA GLN B 290 6.39 26.01 13.96
C GLN B 290 5.02 26.33 14.51
N GLU B 291 4.00 26.40 13.65
CA GLU B 291 2.63 26.61 14.12
C GLU B 291 2.15 25.44 14.95
N LYS B 292 2.50 24.22 14.55
CA LYS B 292 2.12 23.02 15.29
C LYS B 292 3.21 22.55 16.24
N PHE B 293 4.47 22.84 15.94
CA PHE B 293 5.61 22.45 16.78
C PHE B 293 6.46 23.69 17.00
N SER B 294 6.15 24.45 18.04
CA SER B 294 6.91 25.64 18.38
C SER B 294 8.32 25.33 18.84
N TRP B 295 8.62 24.08 19.15
CA TRP B 295 9.95 23.64 19.55
C TRP B 295 10.85 23.31 18.36
N PHE B 296 10.35 23.42 17.14
CA PHE B 296 11.12 23.03 15.96
C PHE B 296 11.96 24.20 15.44
N SER B 297 13.18 23.88 15.04
CA SER B 297 14.08 24.84 14.43
C SER B 297 15.02 24.10 13.50
N TYR B 298 15.36 24.73 12.38
CA TYR B 298 16.28 24.11 11.42
C TYR B 298 17.65 23.87 12.04
N GLU B 299 18.16 24.85 12.78
CA GLU B 299 19.44 24.68 13.45
C GLU B 299 19.38 23.56 14.48
N LEU B 300 18.29 23.50 15.26
CA LEU B 300 18.12 22.43 16.23
C LEU B 300 18.01 21.08 15.53
N LEU B 301 17.34 21.04 14.38
CA LEU B 301 17.24 19.79 13.62
C LEU B 301 18.60 19.32 13.13
N GLU B 302 19.39 20.25 12.57
CA GLU B 302 20.72 19.89 12.09
C GLU B 302 21.64 19.51 13.24
N ASP B 303 21.42 20.06 14.43
CA ASP B 303 22.22 19.68 15.59
C ASP B 303 21.84 18.29 16.09
N PHE B 304 20.54 18.01 16.18
CA PHE B 304 20.08 16.75 16.77
C PHE B 304 20.24 15.57 15.84
N TYR B 305 20.04 15.77 14.53
CA TYR B 305 20.03 14.65 13.60
C TYR B 305 20.90 14.85 12.35
N GLY B 306 21.46 16.04 12.14
CA GLY B 306 22.31 16.26 10.98
C GLY B 306 21.58 16.50 9.68
N ILE B 307 20.26 16.63 9.71
CA ILE B 307 19.49 16.88 8.49
C ILE B 307 19.68 18.35 8.14
N THR B 308 20.60 18.64 7.23
CA THR B 308 20.87 20.00 6.83
C THR B 308 19.77 20.54 5.93
N ASN B 309 19.85 21.84 5.64
CA ASN B 309 18.87 22.47 4.76
C ASN B 309 18.97 21.91 3.34
N SER B 310 20.19 21.70 2.84
CA SER B 310 20.36 21.06 1.55
C SER B 310 20.00 19.59 1.58
N ASP B 311 19.94 18.99 2.77
CA ASP B 311 19.56 17.59 2.90
C ASP B 311 18.05 17.37 2.79
N LEU B 312 17.26 18.44 2.76
CA LEU B 312 15.80 18.33 2.68
C LEU B 312 15.25 18.97 1.41
N ALA B 313 16.07 19.15 0.39
CA ALA B 313 15.62 19.77 -0.84
C ALA B 313 16.46 19.28 -2.01
N ILE B 314 15.78 18.93 -3.10
CA ILE B 314 16.44 18.49 -4.32
C ILE B 314 16.40 19.67 -5.29
N PHE B 315 17.56 20.30 -5.48
CA PHE B 315 17.69 21.46 -6.36
C PHE B 315 18.86 21.25 -7.31
N GLY B 316 19.16 22.29 -8.09
CA GLY B 316 20.25 22.23 -9.05
C GLY B 316 20.13 23.27 -10.15
N PHE B 322 10.24 20.52 -23.03
CA PHE B 322 10.21 19.07 -23.10
C PHE B 322 10.92 18.44 -21.92
N GLU B 323 10.15 18.06 -20.91
CA GLU B 323 10.68 17.36 -19.76
C GLU B 323 11.18 15.97 -20.18
N ALA B 324 12.35 15.58 -19.68
CA ALA B 324 13.08 14.50 -20.33
C ALA B 324 13.96 13.77 -19.31
N ASN B 325 15.00 13.11 -19.86
CA ASN B 325 16.06 12.47 -19.11
C ASN B 325 16.54 13.30 -17.93
N ALA B 326 16.55 14.63 -18.07
CA ALA B 326 16.86 15.49 -16.94
C ALA B 326 15.85 15.32 -15.81
N TRP B 327 14.55 15.26 -16.14
CA TRP B 327 13.53 15.07 -15.11
C TRP B 327 13.67 13.71 -14.45
N GLN B 328 13.84 12.65 -15.24
CA GLN B 328 13.95 11.35 -14.60
C GLN B 328 15.25 11.21 -13.81
N LYS B 329 16.31 11.89 -14.25
CA LYS B 329 17.59 11.84 -13.54
C LYS B 329 17.51 12.58 -12.21
N LEU B 330 16.85 13.75 -12.19
CA LEU B 330 16.66 14.43 -10.92
C LEU B 330 15.71 13.66 -10.02
N LEU B 331 14.78 12.89 -10.60
CA LEU B 331 13.94 12.01 -9.79
C LEU B 331 14.75 10.92 -9.12
N GLN B 332 15.59 10.22 -9.89
CA GLN B 332 16.30 9.07 -9.33
C GLN B 332 17.54 9.44 -8.55
N GLU B 333 18.08 10.65 -8.73
CA GLU B 333 19.37 10.99 -8.13
C GLU B 333 19.27 11.14 -6.62
N GLN B 334 18.29 11.90 -6.14
CA GLN B 334 18.17 12.19 -4.72
C GLN B 334 16.80 11.84 -4.15
N VAL B 335 15.72 12.03 -4.93
CA VAL B 335 14.37 11.85 -4.41
C VAL B 335 14.11 10.38 -4.08
N LYS B 336 14.68 9.46 -4.84
CA LYS B 336 14.40 8.04 -4.66
C LYS B 336 14.83 7.55 -3.27
N ASP B 337 15.99 8.01 -2.80
CA ASP B 337 16.54 7.53 -1.54
C ASP B 337 16.44 8.56 -0.42
N LYS B 338 15.89 9.75 -0.68
CA LYS B 338 15.87 10.81 0.33
C LYS B 338 15.05 10.40 1.55
N PHE B 339 13.82 9.95 1.33
CA PHE B 339 12.95 9.59 2.45
C PHE B 339 13.50 8.40 3.22
N LYS B 340 14.04 7.41 2.51
CA LYS B 340 14.63 6.25 3.18
C LYS B 340 15.82 6.66 4.04
N LEU B 341 16.71 7.51 3.50
CA LEU B 341 17.88 7.93 4.26
C LEU B 341 17.50 8.76 5.46
N LEU B 342 16.55 9.70 5.29
CA LEU B 342 16.15 10.54 6.41
C LEU B 342 15.45 9.73 7.49
N GLU B 343 14.59 8.79 7.11
CA GLU B 343 13.95 7.93 8.09
C GLU B 343 14.95 6.99 8.75
N ASP B 344 16.03 6.64 8.04
CA ASP B 344 17.10 5.87 8.66
C ASP B 344 17.87 6.71 9.68
N LYS B 345 18.02 8.01 9.42
CA LYS B 345 18.75 8.88 10.34
C LYS B 345 18.00 9.02 11.66
N VAL B 346 16.73 9.36 11.62
CA VAL B 346 15.89 9.37 12.83
C VAL B 346 15.24 7.98 12.91
N MET B 347 15.99 7.04 13.47
CA MET B 347 15.54 5.65 13.46
C MET B 347 14.54 5.31 14.57
N PRO B 348 14.75 5.71 15.85
CA PRO B 348 13.78 5.32 16.89
C PRO B 348 12.38 5.87 16.66
N LYS B 349 12.27 7.19 16.55
CA LYS B 349 10.97 7.86 16.55
C LYS B 349 10.34 7.84 15.15
N LYS B 350 9.02 7.96 15.13
CA LYS B 350 8.29 8.05 13.88
C LYS B 350 8.53 9.41 13.23
N VAL B 351 8.14 9.53 11.97
CA VAL B 351 8.43 10.70 11.15
C VAL B 351 7.12 11.24 10.60
N LEU B 352 6.93 12.55 10.74
CA LEU B 352 5.77 13.25 10.19
C LEU B 352 6.29 14.24 9.15
N TRP B 353 6.27 13.83 7.88
CA TRP B 353 6.79 14.67 6.82
C TRP B 353 5.89 15.87 6.57
N PHE B 354 6.50 16.97 6.12
CA PHE B 354 5.78 18.16 5.68
C PHE B 354 6.28 18.52 4.29
N TYR B 355 5.42 18.38 3.29
CA TYR B 355 5.85 18.44 1.91
C TYR B 355 5.22 19.61 1.17
N ALA B 356 6.08 20.37 0.49
CA ALA B 356 5.69 21.37 -0.49
C ALA B 356 6.48 21.12 -1.77
N GLY B 357 5.90 21.52 -2.91
CA GLY B 357 6.54 21.27 -4.19
C GLY B 357 6.25 22.39 -5.18
N GLN B 358 6.95 22.34 -6.30
CA GLN B 358 6.86 23.38 -7.33
C GLN B 358 6.32 22.87 -8.66
N ILE B 359 6.90 21.81 -9.21
CA ILE B 359 6.52 21.31 -10.53
C ILE B 359 5.35 20.36 -10.37
N SER B 360 4.27 20.62 -11.11
CA SER B 360 3.06 19.80 -10.97
C SER B 360 3.27 18.39 -11.50
N THR B 361 3.79 18.28 -12.74
CA THR B 361 3.95 16.95 -13.34
C THR B 361 5.00 16.13 -12.61
N LEU B 362 6.12 16.76 -12.21
CA LEU B 362 7.13 16.05 -11.44
C LEU B 362 6.64 15.69 -10.06
N GLN B 363 5.65 16.40 -9.54
CA GLN B 363 5.10 16.07 -8.22
C GLN B 363 4.40 14.72 -8.23
N LEU B 364 3.85 14.32 -9.37
CA LEU B 364 3.22 12.99 -9.46
C LEU B 364 4.25 11.89 -9.28
N GLY B 365 5.39 12.01 -9.97
CA GLY B 365 6.45 11.04 -9.77
C GLY B 365 7.06 11.10 -8.39
N ILE B 366 7.19 12.31 -7.83
CA ILE B 366 7.70 12.47 -6.48
C ILE B 366 6.80 11.79 -5.47
N GLY B 367 5.48 11.93 -5.64
CA GLY B 367 4.54 11.25 -4.77
C GLY B 367 4.54 9.75 -4.95
N ALA B 368 4.64 9.29 -6.20
CA ALA B 368 4.67 7.85 -6.45
C ALA B 368 5.89 7.20 -5.82
N LEU B 369 7.05 7.84 -5.94
CA LEU B 369 8.23 7.37 -5.22
C LEU B 369 8.11 7.60 -3.72
N PHE B 370 7.27 8.54 -3.30
CA PHE B 370 7.15 8.87 -1.89
C PHE B 370 6.34 7.81 -1.16
N GLY B 371 5.28 7.30 -1.80
CA GLY B 371 4.51 6.20 -1.28
C GLY B 371 3.23 6.64 -0.57
N PHE B 372 2.34 5.66 -0.41
CA PHE B 372 1.11 5.84 0.36
C PHE B 372 1.29 5.40 1.81
N LYS B 373 2.41 5.06 2.23
CA LYS B 373 2.57 4.56 3.53
C LYS B 373 3.31 5.51 4.41
N ARG B 374 3.40 6.78 4.03
CA ARG B 374 4.07 7.85 4.76
C ARG B 374 3.04 8.75 5.42
N ALA B 375 3.17 8.96 6.73
CA ALA B 375 2.34 9.93 7.43
C ALA B 375 2.82 11.33 7.06
N VAL B 376 2.05 12.02 6.22
CA VAL B 376 2.51 13.26 5.60
C VAL B 376 1.50 14.37 5.86
N SER B 377 1.99 15.60 5.78
CA SER B 377 1.17 16.80 5.74
C SER B 377 1.60 17.58 4.50
N ILE B 378 0.72 17.64 3.50
CA ILE B 378 1.02 18.33 2.25
C ILE B 378 0.49 19.74 2.37
N LEU B 379 1.40 20.71 2.26
CA LEU B 379 1.08 22.11 2.49
C LEU B 379 1.05 22.87 1.16
N GLN B 380 0.10 23.79 1.05
CA GLN B 380 -0.02 24.59 -0.16
C GLN B 380 -0.24 26.06 0.18
N THR B 387 2.62 32.84 2.79
CA THR B 387 2.14 31.97 3.85
C THR B 387 1.67 30.63 3.29
N TYR B 388 2.33 29.55 3.73
CA TYR B 388 1.96 28.22 3.29
C TYR B 388 0.92 27.62 4.22
N HIS B 389 -0.12 27.03 3.64
CA HIS B 389 -1.24 26.47 4.39
C HIS B 389 -1.31 24.97 4.15
N GLU B 390 -1.46 24.20 5.24
CA GLU B 390 -1.58 22.75 5.12
C GLU B 390 -2.95 22.39 4.56
N VAL B 391 -2.96 21.57 3.52
CA VAL B 391 -4.21 21.27 2.83
C VAL B 391 -4.50 19.77 2.83
N PHE B 392 -3.47 18.93 2.88
CA PHE B 392 -3.66 17.49 2.92
C PHE B 392 -3.15 16.96 4.25
N ILE B 393 -4.06 16.37 5.03
CA ILE B 393 -3.77 15.83 6.34
C ILE B 393 -3.90 14.31 6.26
N LEU B 394 -2.77 13.62 6.30
CA LEU B 394 -2.74 12.16 6.23
C LEU B 394 -2.08 11.58 7.47
N TYR B 395 -2.44 12.11 8.64
CA TYR B 395 -1.89 11.63 9.90
C TYR B 395 -2.92 11.85 11.00
N GLY B 396 -2.73 11.14 12.10
CA GLY B 396 -3.61 11.26 13.25
C GLY B 396 -4.49 10.05 13.47
N ASN B 399 -7.26 8.02 10.01
CA ASN B 399 -7.69 9.18 9.23
C ASN B 399 -6.96 9.23 7.89
N ALA B 400 -5.74 8.70 7.86
CA ALA B 400 -4.96 8.70 6.63
C ALA B 400 -5.54 7.75 5.60
N ARG B 401 -5.99 6.57 6.04
CA ARG B 401 -6.43 5.50 5.14
C ARG B 401 -7.53 5.98 4.20
N GLN B 402 -8.36 6.93 4.65
CA GLN B 402 -9.45 7.49 3.87
C GLN B 402 -9.00 8.06 2.53
N LEU B 403 -7.69 8.21 2.34
CA LEU B 403 -7.19 8.73 1.06
C LEU B 403 -7.49 7.75 -0.06
N LYS B 404 -7.59 6.47 0.24
CA LYS B 404 -7.82 5.44 -0.76
C LYS B 404 -9.26 4.96 -0.78
N ASN B 405 -10.19 5.77 -0.26
CA ASN B 405 -11.60 5.42 -0.30
C ASN B 405 -12.13 5.60 -1.72
N VAL B 406 -12.54 4.51 -2.34
CA VAL B 406 -13.11 4.52 -3.68
C VAL B 406 -14.60 4.22 -3.65
N SER B 407 -15.23 4.39 -2.49
CA SER B 407 -16.62 3.98 -2.30
C SER B 407 -17.62 4.95 -2.90
N VAL B 408 -17.22 6.20 -3.15
CA VAL B 408 -18.17 7.20 -3.63
C VAL B 408 -18.51 6.93 -5.09
N LYS B 409 -19.78 6.63 -5.35
CA LYS B 409 -20.23 6.30 -6.69
C LYS B 409 -20.40 7.57 -7.52
N LYS B 410 -20.71 7.38 -8.81
CA LYS B 410 -20.85 8.52 -9.71
C LYS B 410 -22.06 9.38 -9.34
N GLU B 411 -23.13 8.77 -8.84
CA GLU B 411 -24.33 9.53 -8.51
C GLU B 411 -24.09 10.51 -7.37
N ASP B 412 -23.39 10.08 -6.32
CA ASP B 412 -23.17 10.93 -5.15
C ASP B 412 -21.84 11.68 -5.23
N TYR B 413 -21.61 12.36 -6.35
CA TYR B 413 -20.41 13.17 -6.53
C TYR B 413 -20.73 14.62 -6.16
N GLN B 414 -19.90 15.20 -5.28
CA GLN B 414 -20.16 16.52 -4.74
C GLN B 414 -19.26 17.61 -5.33
N TYR B 415 -17.96 17.35 -5.41
CA TYR B 415 -17.00 18.38 -5.78
C TYR B 415 -16.64 18.41 -7.26
N ILE B 416 -16.53 17.24 -7.90
CA ILE B 416 -16.06 17.17 -9.27
C ILE B 416 -16.93 16.19 -10.06
N GLN B 417 -16.92 16.36 -11.38
CA GLN B 417 -17.67 15.50 -12.29
C GLN B 417 -16.71 14.71 -13.15
N SER B 418 -17.02 13.42 -13.33
CA SER B 418 -16.22 12.52 -14.14
C SER B 418 -17.02 12.08 -15.36
N GLU B 419 -16.37 12.09 -16.52
CA GLU B 419 -16.97 11.62 -17.76
C GLU B 419 -15.98 10.71 -18.48
N LEU B 420 -16.44 9.53 -18.87
CA LEU B 420 -15.63 8.54 -19.56
C LEU B 420 -16.12 8.42 -20.99
N LEU B 421 -15.23 8.66 -21.96
CA LEU B 421 -15.55 8.57 -23.37
C LEU B 421 -14.68 7.50 -23.99
N ILE B 422 -15.31 6.48 -24.58
CA ILE B 422 -14.61 5.35 -25.18
C ILE B 422 -15.06 5.22 -26.62
N ASN B 423 -14.12 5.25 -27.55
CA ASN B 423 -14.41 5.08 -28.97
C ASN B 423 -13.79 3.82 -29.56
N GLU B 424 -12.80 3.24 -28.91
CA GLU B 424 -12.14 2.02 -29.37
C GLU B 424 -12.11 1.02 -28.22
N PRO B 425 -13.20 0.26 -28.03
CA PRO B 425 -13.22 -0.73 -26.95
C PRO B 425 -12.13 -1.78 -27.06
N HIS B 426 -11.69 -2.11 -28.28
CA HIS B 426 -10.61 -3.08 -28.43
C HIS B 426 -9.27 -2.50 -28.01
N LYS B 427 -9.04 -1.22 -28.29
CA LYS B 427 -7.77 -0.58 -27.97
C LYS B 427 -7.77 -0.20 -26.49
N ASN B 428 -6.80 -0.74 -25.74
CA ASN B 428 -6.71 -0.52 -24.31
C ASN B 428 -5.77 0.63 -23.95
N GLU B 429 -6.02 1.81 -24.52
CA GLU B 429 -5.21 3.00 -24.25
C GLU B 429 -6.15 4.14 -23.91
N LEU B 430 -6.16 4.56 -22.65
CA LEU B 430 -7.07 5.58 -22.15
C LEU B 430 -6.30 6.83 -21.74
N GLY B 431 -6.81 7.99 -22.11
CA GLY B 431 -6.20 9.26 -21.70
C GLY B 431 -6.83 9.76 -20.40
N PHE B 432 -6.01 10.45 -19.62
CA PHE B 432 -6.40 10.93 -18.29
C PHE B 432 -6.37 12.45 -18.30
N ILE B 433 -7.53 13.08 -18.15
CA ILE B 433 -7.65 14.53 -18.13
C ILE B 433 -8.25 14.93 -16.78
N ILE B 434 -7.57 15.84 -16.08
CA ILE B 434 -8.04 16.35 -14.80
C ILE B 434 -8.02 17.88 -14.89
N TYR B 435 -9.17 18.47 -15.19
CA TYR B 435 -9.28 19.91 -15.38
C TYR B 435 -9.52 20.57 -14.03
N LEU B 436 -8.44 20.69 -13.25
CA LEU B 436 -8.51 21.25 -11.91
C LEU B 436 -7.38 22.24 -11.69
N GLY B 437 -7.17 23.15 -12.63
CA GLY B 437 -6.11 24.13 -12.55
C GLY B 437 -6.48 25.49 -13.08
N SER B 438 -5.61 26.08 -13.90
CA SER B 438 -5.81 27.42 -14.42
C SER B 438 -6.36 27.43 -15.84
N HIS B 439 -5.63 26.82 -16.77
CA HIS B 439 -6.02 26.78 -18.17
C HIS B 439 -6.55 25.40 -18.52
N ASN B 440 -7.72 25.35 -19.15
CA ASN B 440 -8.34 24.08 -19.48
C ASN B 440 -7.56 23.38 -20.58
N PRO B 441 -7.01 22.20 -20.34
CA PRO B 441 -6.26 21.48 -21.39
C PRO B 441 -7.08 20.50 -22.22
N ILE B 442 -8.41 20.56 -22.16
CA ILE B 442 -9.24 19.51 -22.74
C ILE B 442 -9.05 19.44 -24.25
N GLY B 443 -9.14 20.58 -24.94
CA GLY B 443 -8.98 20.58 -26.39
C GLY B 443 -7.60 20.19 -26.83
N GLU B 444 -6.57 20.75 -26.18
CA GLU B 444 -5.19 20.41 -26.53
C GLU B 444 -4.89 18.95 -26.24
N ALA B 445 -5.38 18.42 -25.12
CA ALA B 445 -5.18 17.01 -24.81
C ALA B 445 -5.88 16.11 -25.82
N LYS B 446 -7.11 16.46 -26.21
CA LYS B 446 -7.82 15.68 -27.21
C LYS B 446 -7.09 15.68 -28.54
N ALA B 447 -6.58 16.84 -28.96
CA ALA B 447 -5.82 16.93 -30.21
C ALA B 447 -4.55 16.10 -30.12
N TYR B 448 -3.84 16.16 -28.99
CA TYR B 448 -2.60 15.41 -28.83
C TYR B 448 -2.85 13.91 -28.84
N CYS B 449 -3.91 13.46 -28.18
CA CYS B 449 -4.20 12.04 -28.13
C CYS B 449 -4.74 11.52 -29.45
N GLN B 450 -5.45 12.35 -30.20
CA GLN B 450 -5.98 11.94 -31.50
C GLN B 450 -5.03 12.22 -32.65
N LYS B 451 -3.88 12.84 -32.38
CA LYS B 451 -2.93 13.18 -33.44
C LYS B 451 -1.61 12.43 -33.33
N GLN B 452 -1.06 12.30 -32.12
CA GLN B 452 0.25 11.68 -31.94
C GLN B 452 0.13 10.20 -31.54
N LEU B 453 -0.55 9.92 -30.45
CA LEU B 453 -0.71 8.55 -29.98
C LEU B 453 -1.92 7.85 -30.59
N GLN B 454 -2.73 8.57 -31.36
CA GLN B 454 -3.92 8.03 -32.02
C GLN B 454 -4.86 7.35 -31.02
N ILE B 455 -4.99 7.96 -29.84
CA ILE B 455 -5.82 7.43 -28.76
C ILE B 455 -7.15 8.18 -28.77
N ASN B 456 -8.24 7.45 -28.90
CA ASN B 456 -9.58 8.03 -28.90
C ASN B 456 -10.31 7.81 -27.59
N ASN B 457 -9.61 7.36 -26.55
CA ASN B 457 -10.19 7.15 -25.23
C ASN B 457 -9.64 8.18 -24.26
N PHE B 458 -10.53 8.87 -23.55
CA PHE B 458 -10.14 9.87 -22.57
C PHE B 458 -11.01 9.75 -21.33
N LEU B 459 -10.38 9.92 -20.16
CA LEU B 459 -11.06 9.91 -18.87
C LEU B 459 -10.93 11.32 -18.30
N ILE B 460 -11.86 12.18 -18.65
CA ILE B 460 -11.81 13.59 -18.26
C ILE B 460 -12.42 13.73 -16.87
N ILE B 461 -11.77 14.54 -16.03
CA ILE B 461 -12.27 14.86 -14.70
C ILE B 461 -12.30 16.39 -14.60
N GLN B 462 -13.49 16.95 -14.44
CA GLN B 462 -13.68 18.39 -14.39
C GLN B 462 -14.38 18.77 -13.10
N ALA B 463 -14.21 20.03 -12.71
CA ALA B 463 -14.86 20.54 -11.51
C ALA B 463 -16.35 20.70 -11.73
N ARG B 464 -17.12 20.46 -10.66
CA ARG B 464 -18.57 20.64 -10.72
C ARG B 464 -18.99 22.09 -10.65
N GLU B 465 -18.09 22.98 -10.22
CA GLU B 465 -18.38 24.41 -10.13
C GLU B 465 -17.10 25.23 -10.13
N VAL B 469 -9.15 28.78 -7.01
CA VAL B 469 -9.87 27.64 -7.57
C VAL B 469 -10.62 26.89 -6.48
N MET B 470 -9.88 26.22 -5.61
CA MET B 470 -10.45 25.41 -4.54
C MET B 470 -10.45 26.19 -3.23
N GLU B 471 -11.02 25.58 -2.21
CA GLU B 471 -11.02 26.13 -0.85
C GLU B 471 -9.75 25.65 -0.16
N THR B 472 -8.76 26.54 -0.06
CA THR B 472 -7.47 26.16 0.51
C THR B 472 -7.58 25.80 1.99
N SER B 473 -8.46 26.49 2.72
CA SER B 473 -8.61 26.22 4.15
C SER B 473 -9.17 24.83 4.40
N GLN B 474 -10.13 24.40 3.58
CA GLN B 474 -10.80 23.12 3.79
C GLN B 474 -9.88 21.95 3.43
N ASN B 475 -10.15 20.80 4.03
CA ASN B 475 -9.41 19.58 3.73
C ASN B 475 -9.69 19.14 2.30
N TRP B 476 -8.64 18.69 1.61
CA TRP B 476 -8.72 18.34 0.20
C TRP B 476 -8.83 16.84 -0.04
N LEU B 477 -9.08 16.06 1.02
CA LEU B 477 -9.24 14.61 0.85
C LEU B 477 -10.40 14.20 -0.07
N PRO B 478 -11.60 14.81 -0.01
CA PRO B 478 -12.67 14.37 -0.92
C PRO B 478 -12.32 14.45 -2.40
N TYR B 479 -11.47 15.40 -2.81
CA TYR B 479 -11.05 15.45 -4.20
C TYR B 479 -10.28 14.19 -4.59
N LEU B 480 -9.34 13.79 -3.72
CA LEU B 480 -8.57 12.57 -3.98
C LEU B 480 -9.47 11.35 -3.97
N GLN B 481 -10.40 11.28 -3.02
CA GLN B 481 -11.32 10.14 -2.97
C GLN B 481 -12.17 10.06 -4.23
N GLU B 482 -12.65 11.20 -4.72
CA GLU B 482 -13.50 11.21 -5.90
C GLU B 482 -12.72 10.83 -7.16
N ILE B 483 -11.48 11.32 -7.31
CA ILE B 483 -10.72 10.96 -8.50
C ILE B 483 -10.33 9.48 -8.46
N ASN B 484 -9.97 8.96 -7.28
CA ASN B 484 -9.66 7.54 -7.15
C ASN B 484 -10.89 6.68 -7.47
N SER B 485 -12.05 7.07 -6.95
CA SER B 485 -13.27 6.31 -7.21
C SER B 485 -13.65 6.36 -8.68
N ALA B 486 -13.50 7.51 -9.33
CA ALA B 486 -13.82 7.60 -10.74
C ALA B 486 -12.89 6.73 -11.57
N LEU B 487 -11.59 6.74 -11.25
CA LEU B 487 -10.65 5.90 -11.98
C LEU B 487 -10.97 4.42 -11.79
N ASN B 488 -11.29 4.00 -10.57
CA ASN B 488 -11.62 2.60 -10.34
C ASN B 488 -12.94 2.22 -11.01
N THR B 489 -13.91 3.12 -11.02
CA THR B 489 -15.17 2.84 -11.71
C THR B 489 -14.94 2.68 -13.21
N ALA B 490 -14.08 3.53 -13.80
CA ALA B 490 -13.74 3.37 -15.21
C ALA B 490 -13.02 2.06 -15.46
N ARG B 491 -12.12 1.66 -14.55
CA ARG B 491 -11.36 0.43 -14.73
C ARG B 491 -12.14 -0.82 -14.33
N GLN B 492 -13.33 -0.68 -13.75
CA GLN B 492 -14.11 -1.83 -13.33
C GLN B 492 -14.60 -2.65 -14.51
N GLU B 493 -15.19 -2.00 -15.51
CA GLU B 493 -15.87 -2.70 -16.59
C GLU B 493 -15.00 -2.92 -17.81
N TYR B 494 -13.93 -2.14 -18.00
CA TYR B 494 -13.11 -2.26 -19.19
C TYR B 494 -11.66 -2.50 -18.78
N HIS B 495 -10.85 -2.89 -19.76
CA HIS B 495 -9.43 -3.18 -19.57
C HIS B 495 -8.61 -2.10 -20.26
N TRP B 496 -7.60 -1.59 -19.55
CA TRP B 496 -6.73 -0.54 -20.06
C TRP B 496 -5.29 -0.96 -19.86
N GLU B 497 -4.52 -0.96 -20.95
CA GLU B 497 -3.11 -1.35 -20.87
C GLU B 497 -2.23 -0.19 -20.41
N ARG B 498 -2.56 1.03 -20.81
CA ARG B 498 -1.70 2.18 -20.57
C ARG B 498 -2.57 3.41 -20.35
N ILE B 499 -2.15 4.30 -19.45
CA ILE B 499 -2.84 5.55 -19.18
C ILE B 499 -1.85 6.70 -19.25
N HIS B 500 -2.24 7.77 -19.93
CA HIS B 500 -1.46 9.00 -20.04
C HIS B 500 -2.23 10.14 -19.41
N LEU B 501 -1.59 10.89 -18.51
CA LEU B 501 -2.27 12.06 -17.98
C LEU B 501 -2.08 13.27 -18.88
N PHE B 502 -3.10 14.12 -18.89
CA PHE B 502 -3.03 15.42 -19.56
C PHE B 502 -3.92 16.37 -18.74
N GLN B 503 -3.30 17.08 -17.80
CA GLN B 503 -4.07 17.73 -16.75
C GLN B 503 -3.36 18.98 -16.26
N THR B 504 -4.11 19.81 -15.55
CA THR B 504 -3.58 20.91 -14.76
C THR B 504 -4.14 20.77 -13.35
N ALA B 505 -3.27 20.91 -12.34
CA ALA B 505 -3.67 20.64 -10.97
C ALA B 505 -2.73 21.38 -10.03
N PRO B 506 -3.16 21.63 -8.79
CA PRO B 506 -2.23 22.14 -7.79
C PRO B 506 -1.20 21.07 -7.44
N THR B 507 -0.12 21.53 -6.80
CA THR B 507 0.94 20.62 -6.37
C THR B 507 0.39 19.57 -5.41
N ALA B 508 -0.46 19.98 -4.46
CA ALA B 508 -0.98 19.06 -3.47
C ALA B 508 -1.84 17.98 -4.11
N LEU B 509 -2.70 18.37 -5.07
CA LEU B 509 -3.63 17.41 -5.65
C LEU B 509 -2.90 16.32 -6.43
N CYS B 510 -1.98 16.71 -7.32
CA CYS B 510 -1.23 15.72 -8.08
C CYS B 510 -0.29 14.92 -7.20
N MET B 511 0.28 15.58 -6.17
CA MET B 511 1.15 14.87 -5.24
C MET B 511 0.38 13.77 -4.52
N ALA B 512 -0.80 14.09 -4.04
CA ALA B 512 -1.63 13.09 -3.37
C ALA B 512 -2.14 12.03 -4.33
N LEU B 513 -2.41 12.41 -5.59
CA LEU B 513 -2.81 11.41 -6.57
C LEU B 513 -1.69 10.41 -6.83
N GLY B 514 -0.45 10.90 -6.93
CA GLY B 514 0.68 10.00 -7.06
C GLY B 514 0.90 9.15 -5.82
N ILE B 515 0.59 9.71 -4.64
CA ILE B 515 0.66 8.92 -3.41
C ILE B 515 -0.35 7.78 -3.45
N ALA B 516 -1.59 8.09 -3.86
CA ALA B 516 -2.68 7.11 -3.80
C ALA B 516 -2.55 6.07 -4.90
N VAL B 517 -2.55 6.50 -6.16
CA VAL B 517 -2.47 5.57 -7.28
C VAL B 517 -1.15 4.80 -7.23
N GLY B 518 -0.05 5.51 -6.99
CA GLY B 518 1.21 4.83 -6.82
C GLY B 518 1.80 4.31 -8.12
N HIS B 519 2.66 3.31 -7.97
CA HIS B 519 3.39 2.70 -9.09
C HIS B 519 2.67 1.50 -9.69
N PHE B 520 1.52 1.11 -9.14
CA PHE B 520 0.87 -0.12 -9.58
C PHE B 520 0.32 0.01 -10.99
N LEU B 521 -0.38 1.08 -11.27
CA LEU B 521 -0.97 1.23 -12.59
C LEU B 521 0.10 1.60 -13.61
N PRO B 522 -0.03 1.12 -14.84
CA PRO B 522 0.94 1.51 -15.88
C PRO B 522 0.63 2.90 -16.42
N VAL B 523 1.36 3.92 -15.96
CA VAL B 523 1.01 5.30 -16.25
C VAL B 523 2.24 6.01 -16.81
N ASP B 524 2.04 6.80 -17.86
CA ASP B 524 3.09 7.61 -18.47
C ASP B 524 2.77 9.08 -18.20
N VAL B 525 3.43 9.66 -17.21
CA VAL B 525 3.16 11.04 -16.82
C VAL B 525 3.88 11.98 -17.77
N TYR B 526 3.14 12.91 -18.36
CA TYR B 526 3.70 13.92 -19.23
C TYR B 526 3.58 15.29 -18.58
N HIS B 527 4.41 16.22 -19.06
CA HIS B 527 4.43 17.60 -18.58
C HIS B 527 4.06 18.53 -19.73
N TYR B 528 3.20 19.50 -19.44
CA TYR B 528 2.79 20.49 -20.42
C TYR B 528 3.31 21.87 -20.00
N GLN B 529 3.70 22.67 -20.99
CA GLN B 529 4.22 24.00 -20.72
C GLN B 529 3.27 25.09 -21.21
N CYS B 539 5.39 11.76 -23.21
CA CYS B 539 5.70 11.23 -21.89
C CYS B 539 7.00 11.78 -21.36
N VAL B 540 7.20 11.66 -20.04
CA VAL B 540 8.47 12.02 -19.42
C VAL B 540 9.00 10.81 -18.67
N PHE B 541 8.25 10.36 -17.66
CA PHE B 541 8.63 9.20 -16.88
C PHE B 541 7.43 8.24 -16.85
N SER B 542 7.65 7.07 -16.25
CA SER B 542 6.61 6.06 -16.14
C SER B 542 6.40 5.73 -14.68
N LEU B 543 5.13 5.73 -14.24
CA LEU B 543 4.82 5.52 -12.83
C LEU B 543 5.23 4.13 -12.38
N ASP B 544 5.07 3.13 -13.25
CA ASP B 544 5.55 1.80 -12.91
C ASP B 544 7.07 1.71 -12.94
N LYS B 545 7.74 2.70 -13.55
CA LYS B 545 9.19 2.71 -13.61
C LYS B 545 9.85 3.45 -12.46
N MET B 546 9.07 4.07 -11.57
CA MET B 546 9.67 4.70 -10.39
C MET B 546 10.33 3.67 -9.50
N LEU B 547 9.69 2.52 -9.30
CA LEU B 547 10.33 1.44 -8.57
C LEU B 547 11.39 0.74 -9.40
N ASN B 548 11.43 0.97 -10.71
CA ASN B 548 12.45 0.39 -11.58
C ASN B 548 13.54 1.37 -11.96
N LEU B 549 13.39 2.65 -11.64
CA LEU B 549 14.40 3.64 -11.95
C LEU B 549 14.34 4.81 -10.95
#